data_7I1L
#
_entry.id   7I1L
#
_cell.length_a   42.081
_cell.length_b   42.081
_cell.length_c   216.356
_cell.angle_alpha   90.00
_cell.angle_beta   90.00
_cell.angle_gamma   90.00
#
_symmetry.space_group_name_H-M   'P 43 2 2'
#
loop_
_entity.id
_entity.type
_entity.pdbx_description
1 polymer 'Serine protease subunit NS2B'
2 polymer 'Serine protease NS3'
3 non-polymer 'SULFATE ION'
4 non-polymer 'DIMETHYL SULFOXIDE'
5 non-polymer N-(5-amino-2-methylphenyl)-3-methylbenzamide
6 water water
#
loop_
_entity_poly.entity_id
_entity_poly.type
_entity_poly.pdbx_seq_one_letter_code
_entity_poly.pdbx_strand_id
1 'polypeptide(L)' SMGKSVDMYIERAGDITWEKDAEVTGNSPRLDVALDESGDFSLVEE A
2 'polypeptide(L)'
;MKEVKKGETTDGVYRVMTRRLLGSTQVGVGVMQEGVFHTMWHVTKGAALRSGEGRLDPYWGDVKQDLVSYCGPWKLDAAW
DGLSEVQLLAVPPGERAKNIQTLPGIFKTKDGDIGAVALDYPAGTSGSPILDKCGRVIGLYGNGVVIKNGSYVSAITQGK
REEETPVE
;
B
#
loop_
_chem_comp.id
_chem_comp.type
_chem_comp.name
_chem_comp.formula
A1BXE non-polymer N-(5-amino-2-methylphenyl)-3-methylbenzamide 'C15 H16 N2 O'
DMS non-polymer 'DIMETHYL SULFOXIDE' 'C2 H6 O S'
SO4 non-polymer 'SULFATE ION' 'O4 S -2'
#
# COMPACT_ATOMS: atom_id res chain seq x y z
N ASP A 7 20.64 6.37 2.48
CA ASP A 7 20.54 5.21 1.55
C ASP A 7 19.54 4.21 2.13
N MET A 8 18.50 3.95 1.36
CA MET A 8 17.38 3.06 1.70
C MET A 8 17.71 1.67 1.19
N TYR A 9 17.30 0.66 1.97
CA TYR A 9 17.43 -0.77 1.62
C TYR A 9 16.11 -1.47 1.96
N ILE A 10 15.98 -2.67 1.42
CA ILE A 10 14.75 -3.51 1.59
C ILE A 10 15.12 -4.83 2.31
N GLU A 11 14.16 -5.29 3.14
CA GLU A 11 14.21 -6.52 3.98
C GLU A 11 12.91 -7.29 3.76
N ARG A 12 12.98 -8.51 3.26
CA ARG A 12 11.77 -9.37 3.08
C ARG A 12 11.06 -9.50 4.44
N ALA A 13 9.73 -9.49 4.44
CA ALA A 13 8.86 -9.54 5.64
C ALA A 13 7.74 -10.59 5.54
N GLY A 14 7.55 -11.31 4.42
CA GLY A 14 6.53 -12.37 4.33
C GLY A 14 6.06 -12.66 2.92
N ASP A 15 5.24 -13.69 2.74
CA ASP A 15 4.62 -14.08 1.44
C ASP A 15 3.33 -13.30 1.26
N ILE A 16 2.89 -13.19 0.01
CA ILE A 16 1.59 -12.53 -0.31
C ILE A 16 0.60 -13.66 -0.47
N THR A 17 -0.18 -13.88 0.60
N THR A 17 -0.18 -13.91 0.59
N THR A 17 -0.18 -13.88 0.60
N THR A 17 -0.18 -13.91 0.59
CA THR A 17 -1.17 -15.00 0.74
CA THR A 17 -1.15 -15.03 0.69
CA THR A 17 -1.17 -15.00 0.74
CA THR A 17 -1.15 -15.03 0.69
C THR A 17 -2.34 -14.57 1.60
C THR A 17 -2.33 -14.65 1.61
C THR A 17 -2.34 -14.57 1.60
C THR A 17 -2.33 -14.65 1.61
N TRP A 18 -3.55 -14.94 1.17
CA TRP A 18 -4.77 -14.77 2.00
C TRP A 18 -4.71 -15.84 3.11
N GLU A 19 -4.74 -15.44 4.39
CA GLU A 19 -4.77 -16.38 5.55
C GLU A 19 -6.21 -16.58 6.00
N LYS A 20 -6.75 -17.79 5.87
CA LYS A 20 -7.98 -18.22 6.60
C LYS A 20 -7.69 -18.04 8.09
N ASP A 21 -8.69 -17.55 8.84
N ASP A 21 -8.69 -17.55 8.84
N ASP A 21 -8.65 -17.52 8.86
N ASP A 21 -8.65 -17.52 8.86
CA ASP A 21 -8.59 -17.19 10.28
CA ASP A 21 -8.59 -17.19 10.28
CA ASP A 21 -8.51 -17.23 10.31
CA ASP A 21 -8.51 -17.23 10.31
C ASP A 21 -7.59 -16.03 10.44
C ASP A 21 -7.59 -16.03 10.44
C ASP A 21 -7.60 -16.01 10.48
C ASP A 21 -7.60 -16.01 10.48
N ALA A 22 -7.89 -14.90 9.78
CA ALA A 22 -7.20 -13.60 9.98
C ALA A 22 -8.14 -12.78 10.88
N GLU A 23 -7.53 -11.95 11.77
N GLU A 23 -7.53 -11.95 11.77
N GLU A 23 -7.52 -11.98 11.79
N GLU A 23 -7.52 -11.98 11.79
CA GLU A 23 -8.25 -11.06 12.71
CA GLU A 23 -8.25 -11.06 12.71
CA GLU A 23 -8.26 -11.05 12.70
CA GLU A 23 -8.26 -11.05 12.70
C GLU A 23 -9.15 -10.11 11.91
C GLU A 23 -9.15 -10.11 11.91
C GLU A 23 -9.15 -10.15 11.86
C GLU A 23 -9.15 -10.15 11.86
N VAL A 24 -10.48 -10.28 12.00
CA VAL A 24 -11.46 -9.52 11.17
C VAL A 24 -11.92 -8.28 11.94
N THR A 25 -11.68 -7.07 11.39
CA THR A 25 -11.95 -5.76 12.03
C THR A 25 -11.98 -4.60 11.02
N GLY A 26 -12.20 -3.37 11.52
CA GLY A 26 -12.40 -2.13 10.75
C GLY A 26 -13.81 -1.98 10.18
N ASN A 27 -14.41 -0.79 10.31
CA ASN A 27 -15.68 -0.39 9.65
C ASN A 27 -15.46 -0.07 8.14
N SER A 28 -16.49 0.47 7.47
CA SER A 28 -16.64 0.57 5.99
C SER A 28 -17.21 1.92 5.58
N PRO A 29 -16.56 3.05 5.88
CA PRO A 29 -17.18 4.36 5.67
C PRO A 29 -17.23 4.81 4.20
N ARG A 30 -18.32 5.49 3.82
N ARG A 30 -18.32 5.49 3.82
N ARG A 30 -18.30 5.52 3.86
N ARG A 30 -18.31 5.53 3.86
CA ARG A 30 -18.50 6.15 2.50
CA ARG A 30 -18.50 6.15 2.50
CA ARG A 30 -18.56 6.19 2.54
CA ARG A 30 -18.56 6.19 2.54
C ARG A 30 -18.13 7.64 2.65
C ARG A 30 -18.13 7.64 2.65
C ARG A 30 -18.14 7.67 2.66
C ARG A 30 -18.14 7.67 2.66
N LEU A 31 -16.98 8.04 2.09
CA LEU A 31 -16.40 9.41 2.29
C LEU A 31 -16.27 10.21 0.98
N ASP A 32 -16.71 11.47 0.99
CA ASP A 32 -16.53 12.46 -0.11
C ASP A 32 -15.13 13.07 -0.01
N VAL A 33 -14.24 12.78 -0.97
CA VAL A 33 -12.84 13.30 -0.95
C VAL A 33 -12.44 13.95 -2.29
N ALA A 34 -11.42 14.80 -2.22
CA ALA A 34 -10.77 15.50 -3.36
C ALA A 34 -9.28 15.15 -3.34
N LEU A 35 -8.74 14.72 -4.48
CA LEU A 35 -7.29 14.43 -4.66
C LEU A 35 -6.64 15.66 -5.32
N ASP A 36 -5.61 16.22 -4.67
CA ASP A 36 -4.84 17.41 -5.10
C ASP A 36 -3.65 16.96 -5.98
N GLU A 37 -2.99 17.91 -6.66
CA GLU A 37 -1.90 17.64 -7.62
C GLU A 37 -0.66 17.05 -6.92
N SER A 38 -0.44 17.39 -5.64
CA SER A 38 0.62 16.84 -4.76
C SER A 38 0.30 15.40 -4.31
N GLY A 39 -0.84 14.82 -4.68
CA GLY A 39 -1.18 13.42 -4.30
C GLY A 39 -1.73 13.26 -2.87
N ASP A 40 -2.14 14.36 -2.23
CA ASP A 40 -2.77 14.42 -0.89
C ASP A 40 -4.29 14.44 -1.05
N PHE A 41 -4.96 13.45 -0.45
CA PHE A 41 -6.44 13.41 -0.31
C PHE A 41 -6.89 14.37 0.78
N SER A 42 -8.10 14.91 0.66
CA SER A 42 -8.70 15.82 1.65
C SER A 42 -10.21 15.56 1.73
N LEU A 43 -10.84 15.96 2.83
CA LEU A 43 -12.27 15.69 3.13
C LEU A 43 -13.08 16.87 2.61
N VAL A 44 -13.90 16.59 1.61
CA VAL A 44 -14.98 17.48 1.11
C VAL A 44 -16.19 17.22 2.00
N GLU A 45 -16.97 18.24 2.36
CA GLU A 45 -18.32 18.07 2.98
C GLU A 45 -19.23 19.22 2.52
N GLY B 7 20.56 -9.01 -5.97
CA GLY B 7 20.25 -9.39 -4.56
C GLY B 7 18.94 -10.16 -4.45
N GLU B 8 18.12 -9.86 -3.43
CA GLU B 8 16.85 -10.58 -3.13
C GLU B 8 15.75 -10.11 -4.08
N THR B 9 15.27 -11.00 -4.95
N THR B 9 15.27 -11.01 -4.93
N THR B 9 15.27 -11.00 -4.95
N THR B 9 15.27 -11.01 -4.93
CA THR B 9 14.25 -10.69 -5.98
CA THR B 9 14.29 -10.76 -6.02
CA THR B 9 14.25 -10.69 -5.98
CA THR B 9 14.29 -10.76 -6.02
C THR B 9 13.00 -11.57 -5.80
C THR B 9 13.00 -11.56 -5.79
C THR B 9 13.00 -11.57 -5.80
C THR B 9 13.00 -11.56 -5.79
N THR B 10 13.00 -12.49 -4.83
CA THR B 10 11.85 -13.38 -4.57
C THR B 10 10.60 -12.50 -4.47
N ASP B 11 9.49 -12.99 -5.05
N ASP B 11 9.49 -12.99 -5.05
N ASP B 11 9.47 -12.99 -5.01
N ASP B 11 9.47 -12.99 -5.01
CA ASP B 11 8.13 -12.43 -4.82
CA ASP B 11 8.13 -12.43 -4.82
CA ASP B 11 8.15 -12.36 -4.86
CA ASP B 11 8.15 -12.36 -4.86
C ASP B 11 7.91 -12.27 -3.31
C ASP B 11 7.91 -12.27 -3.31
C ASP B 11 7.78 -12.34 -3.36
C ASP B 11 7.78 -12.34 -3.36
N GLY B 12 7.09 -11.30 -2.89
CA GLY B 12 6.73 -11.16 -1.47
C GLY B 12 6.62 -9.72 -1.02
N VAL B 13 6.41 -9.51 0.29
CA VAL B 13 6.27 -8.15 0.90
C VAL B 13 7.60 -7.82 1.57
N TYR B 14 8.02 -6.54 1.60
CA TYR B 14 9.37 -6.09 2.05
C TYR B 14 9.21 -4.86 2.96
N ARG B 15 10.06 -4.72 3.98
CA ARG B 15 10.23 -3.41 4.67
C ARG B 15 11.17 -2.55 3.85
N VAL B 16 10.85 -1.25 3.80
CA VAL B 16 11.73 -0.15 3.34
C VAL B 16 12.30 0.52 4.59
N MET B 17 13.63 0.44 4.75
CA MET B 17 14.39 0.99 5.91
C MET B 17 15.34 2.09 5.43
N THR B 18 15.64 3.05 6.31
CA THR B 18 16.72 4.07 6.15
C THR B 18 17.63 4.13 7.39
N ARG B 19 18.88 4.55 7.17
CA ARG B 19 19.87 4.81 8.25
C ARG B 19 20.12 6.32 8.40
N ARG B 20 19.34 7.17 7.74
CA ARG B 20 19.59 8.64 7.62
C ARG B 20 19.02 9.37 8.84
N LEU B 21 18.35 8.63 9.73
CA LEU B 21 17.73 9.15 10.99
C LEU B 21 18.36 8.37 12.15
N LEU B 22 17.75 8.44 13.34
CA LEU B 22 18.19 7.63 14.51
C LEU B 22 18.09 6.15 14.12
N GLY B 23 19.17 5.40 14.34
CA GLY B 23 19.22 3.93 14.18
C GLY B 23 18.84 3.47 12.78
N SER B 24 17.99 2.45 12.68
CA SER B 24 17.36 1.95 11.43
C SER B 24 15.86 2.20 11.56
N THR B 25 15.28 2.95 10.63
CA THR B 25 13.86 3.39 10.74
C THR B 25 13.08 2.92 9.50
N GLN B 26 11.98 2.22 9.73
CA GLN B 26 11.13 1.74 8.62
C GLN B 26 10.30 2.92 8.12
N VAL B 27 10.59 3.36 6.90
CA VAL B 27 9.89 4.51 6.26
C VAL B 27 8.63 4.03 5.55
N GLY B 28 8.56 2.71 5.22
N GLY B 28 8.57 2.71 5.21
N GLY B 28 8.58 2.72 5.20
N GLY B 28 8.58 2.72 5.20
CA GLY B 28 7.43 2.11 4.46
CA GLY B 28 7.43 2.11 4.46
CA GLY B 28 7.44 2.12 4.46
CA GLY B 28 7.44 2.12 4.46
C GLY B 28 7.64 0.63 4.07
C GLY B 28 7.64 0.63 4.07
C GLY B 28 7.67 0.66 4.11
C GLY B 28 7.67 0.66 4.11
N VAL B 29 6.75 0.19 3.11
N VAL B 29 6.75 0.19 3.11
N VAL B 29 6.86 0.20 3.12
N VAL B 29 6.87 0.21 3.11
CA VAL B 29 6.56 -1.24 2.73
CA VAL B 29 6.56 -1.24 2.73
CA VAL B 29 6.73 -1.22 2.73
CA VAL B 29 6.73 -1.22 2.73
C VAL B 29 6.30 -1.32 1.23
C VAL B 29 6.30 -1.32 1.23
C VAL B 29 6.48 -1.28 1.22
C VAL B 29 6.48 -1.28 1.22
N GLY B 30 6.59 -2.47 0.59
N GLY B 30 6.59 -2.47 0.59
N GLY B 30 6.86 -2.38 0.56
N GLY B 30 6.86 -2.38 0.56
CA GLY B 30 6.28 -2.72 -0.83
CA GLY B 30 6.28 -2.72 -0.83
CA GLY B 30 6.52 -2.63 -0.85
CA GLY B 30 6.52 -2.62 -0.85
C GLY B 30 6.18 -4.19 -1.19
C GLY B 30 6.18 -4.19 -1.19
C GLY B 30 6.38 -4.09 -1.19
C GLY B 30 6.38 -4.09 -1.19
N VAL B 31 5.88 -4.46 -2.47
N VAL B 31 5.88 -4.46 -2.47
N VAL B 31 5.83 -4.33 -2.39
N VAL B 31 5.83 -4.33 -2.39
CA VAL B 31 5.58 -5.79 -3.06
CA VAL B 31 5.58 -5.79 -3.06
CA VAL B 31 5.62 -5.66 -3.02
CA VAL B 31 5.62 -5.66 -3.02
C VAL B 31 6.54 -6.09 -4.21
C VAL B 31 6.54 -6.09 -4.21
C VAL B 31 6.71 -5.89 -4.05
C VAL B 31 6.71 -5.89 -4.05
N MET B 32 7.41 -7.10 -4.05
N MET B 32 7.41 -7.11 -4.05
N MET B 32 7.31 -7.09 -4.03
N MET B 32 7.31 -7.09 -4.03
CA MET B 32 8.23 -7.67 -5.15
CA MET B 32 8.23 -7.67 -5.15
CA MET B 32 8.14 -7.64 -5.13
CA MET B 32 8.14 -7.64 -5.13
C MET B 32 7.36 -8.66 -5.93
C MET B 32 7.36 -8.66 -5.93
C MET B 32 7.27 -8.62 -5.92
C MET B 32 7.27 -8.62 -5.92
N GLN B 33 7.11 -8.40 -7.23
CA GLN B 33 6.35 -9.33 -8.11
C GLN B 33 6.94 -9.31 -9.51
N GLU B 34 7.24 -10.48 -10.05
CA GLU B 34 7.82 -10.60 -11.42
C GLU B 34 9.11 -9.74 -11.53
N GLY B 35 9.91 -9.61 -10.47
CA GLY B 35 11.22 -8.92 -10.56
C GLY B 35 11.12 -7.42 -10.37
N VAL B 36 9.90 -6.90 -10.24
CA VAL B 36 9.60 -5.46 -10.01
C VAL B 36 9.24 -5.19 -8.53
N PHE B 37 9.87 -4.18 -7.92
CA PHE B 37 9.47 -3.64 -6.59
C PHE B 37 8.46 -2.51 -6.77
N HIS B 38 7.31 -2.63 -6.13
CA HIS B 38 6.20 -1.65 -6.11
C HIS B 38 6.05 -1.06 -4.72
N THR B 39 5.96 0.27 -4.62
CA THR B 39 5.74 0.96 -3.34
C THR B 39 5.04 2.29 -3.62
N MET B 40 4.86 3.07 -2.57
CA MET B 40 4.19 4.37 -2.66
C MET B 40 5.30 5.42 -2.81
N TRP B 41 5.04 6.45 -3.64
N TRP B 41 5.05 6.44 -3.64
N TRP B 41 5.06 6.43 -3.66
N TRP B 41 5.06 6.43 -3.66
CA TRP B 41 6.03 7.49 -4.02
CA TRP B 41 6.07 7.46 -3.99
CA TRP B 41 6.10 7.44 -4.00
CA TRP B 41 6.10 7.45 -3.99
C TRP B 41 6.53 8.20 -2.76
C TRP B 41 6.56 8.15 -2.71
C TRP B 41 6.56 8.16 -2.73
C TRP B 41 6.56 8.15 -2.71
N HIS B 42 5.65 8.50 -1.81
N HIS B 42 5.65 8.50 -1.81
N HIS B 42 5.65 8.43 -1.78
N HIS B 42 5.65 8.43 -1.78
CA HIS B 42 5.98 9.31 -0.60
CA HIS B 42 5.98 9.31 -0.60
CA HIS B 42 5.96 9.26 -0.59
CA HIS B 42 5.95 9.27 -0.59
C HIS B 42 6.99 8.56 0.29
C HIS B 42 6.99 8.56 0.29
C HIS B 42 6.94 8.54 0.35
C HIS B 42 6.93 8.55 0.35
N VAL B 43 7.08 7.23 0.13
N VAL B 43 7.08 7.24 0.14
N VAL B 43 7.16 7.24 0.15
N VAL B 43 7.16 7.24 0.15
CA VAL B 43 7.96 6.35 0.96
CA VAL B 43 7.96 6.35 0.96
CA VAL B 43 8.04 6.39 1.00
CA VAL B 43 8.04 6.39 1.00
C VAL B 43 9.42 6.63 0.56
C VAL B 43 9.43 6.64 0.57
C VAL B 43 9.50 6.62 0.59
C VAL B 43 9.50 6.62 0.59
N THR B 44 9.74 6.50 -0.73
N THR B 44 9.74 6.50 -0.73
N THR B 44 9.79 6.50 -0.72
N THR B 44 9.79 6.50 -0.72
CA THR B 44 11.13 6.55 -1.28
CA THR B 44 11.13 6.55 -1.28
CA THR B 44 11.16 6.57 -1.29
CA THR B 44 11.16 6.57 -1.29
C THR B 44 11.42 7.94 -1.86
C THR B 44 11.42 7.94 -1.86
C THR B 44 11.44 7.96 -1.85
C THR B 44 11.44 7.96 -1.85
N LYS B 45 10.38 8.68 -2.28
CA LYS B 45 10.50 9.99 -2.99
C LYS B 45 11.33 9.80 -4.26
N GLY B 46 11.23 8.64 -4.92
CA GLY B 46 11.95 8.35 -6.17
C GLY B 46 13.39 7.87 -5.97
N ALA B 47 13.94 7.92 -4.76
CA ALA B 47 15.34 7.51 -4.50
C ALA B 47 15.57 6.02 -4.83
N ALA B 48 16.82 5.65 -5.12
CA ALA B 48 17.28 4.27 -5.36
C ALA B 48 17.20 3.48 -4.05
N LEU B 49 17.23 2.15 -4.14
CA LEU B 49 17.15 1.23 -2.96
C LEU B 49 18.28 0.20 -3.04
N ARG B 50 18.64 -0.37 -1.90
CA ARG B 50 19.65 -1.45 -1.78
C ARG B 50 18.95 -2.77 -1.44
N SER B 51 19.45 -3.89 -1.97
CA SER B 51 18.97 -5.26 -1.67
C SER B 51 20.19 -6.20 -1.57
N GLY B 52 20.88 -6.19 -0.42
CA GLY B 52 22.24 -6.74 -0.29
C GLY B 52 23.24 -5.82 -0.98
N GLU B 53 24.02 -6.36 -1.92
CA GLU B 53 24.79 -5.52 -2.89
C GLU B 53 23.82 -4.94 -3.94
N GLY B 54 22.86 -5.74 -4.39
CA GLY B 54 21.86 -5.36 -5.39
C GLY B 54 21.41 -3.91 -5.24
N ARG B 55 21.37 -3.17 -6.34
CA ARG B 55 20.80 -1.80 -6.41
C ARG B 55 19.45 -1.88 -7.12
N LEU B 56 18.45 -1.14 -6.65
CA LEU B 56 17.15 -1.09 -7.35
C LEU B 56 16.94 0.35 -7.79
N ASP B 57 16.82 0.56 -9.11
CA ASP B 57 16.68 1.93 -9.67
C ASP B 57 15.22 2.12 -10.07
N PRO B 58 14.61 3.29 -9.80
CA PRO B 58 13.23 3.54 -10.16
C PRO B 58 13.02 3.46 -11.67
N TYR B 59 11.83 3.07 -12.11
CA TYR B 59 11.53 2.85 -13.55
C TYR B 59 10.30 3.69 -13.93
N TRP B 60 9.34 3.76 -13.02
CA TRP B 60 8.07 4.49 -13.24
C TRP B 60 7.61 5.10 -11.94
N GLY B 61 6.95 6.25 -12.01
CA GLY B 61 6.39 6.89 -10.81
C GLY B 61 5.50 8.04 -11.17
N ASP B 62 4.58 8.34 -10.29
CA ASP B 62 3.61 9.46 -10.43
C ASP B 62 3.24 9.96 -9.04
N VAL B 63 3.69 11.15 -8.67
CA VAL B 63 3.45 11.80 -7.34
C VAL B 63 1.94 11.84 -7.07
N LYS B 64 1.12 11.99 -8.11
CA LYS B 64 -0.33 12.21 -7.94
C LYS B 64 -1.03 10.89 -7.56
N GLN B 65 -0.74 9.80 -8.28
CA GLN B 65 -1.18 8.43 -7.93
C GLN B 65 -0.48 8.00 -6.63
N ASP B 66 0.63 8.66 -6.32
CA ASP B 66 1.50 8.35 -5.15
C ASP B 66 1.99 6.92 -5.23
N LEU B 67 2.43 6.49 -6.43
CA LEU B 67 3.03 5.15 -6.68
C LEU B 67 4.39 5.25 -7.37
N VAL B 68 5.18 4.19 -7.24
CA VAL B 68 6.53 4.06 -7.88
C VAL B 68 6.86 2.57 -8.07
N SER B 69 7.53 2.22 -9.16
CA SER B 69 8.02 0.85 -9.48
C SER B 69 9.52 0.86 -9.75
N TYR B 70 10.22 -0.20 -9.36
N TYR B 70 10.22 -0.20 -9.36
N TYR B 70 10.22 -0.19 -9.33
N TYR B 70 10.22 -0.19 -9.33
CA TYR B 70 11.70 -0.35 -9.49
CA TYR B 70 11.70 -0.35 -9.49
CA TYR B 70 11.69 -0.35 -9.48
CA TYR B 70 11.69 -0.35 -9.48
C TYR B 70 12.02 -1.59 -10.33
C TYR B 70 12.02 -1.59 -10.33
C TYR B 70 11.99 -1.57 -10.36
C TYR B 70 11.98 -1.58 -10.35
N CYS B 71 12.91 -1.45 -11.32
N CYS B 71 12.91 -1.45 -11.32
N CYS B 71 12.96 -1.45 -11.27
N CYS B 71 12.96 -1.45 -11.27
CA CYS B 71 13.53 -2.54 -12.14
CA CYS B 71 13.53 -2.54 -12.14
CA CYS B 71 13.56 -2.54 -12.09
CA CYS B 71 13.56 -2.54 -12.09
C CYS B 71 12.68 -2.82 -13.39
C CYS B 71 12.68 -2.82 -13.39
C CYS B 71 12.63 -2.94 -13.25
C CYS B 71 12.63 -2.94 -13.24
N GLY B 72 11.41 -2.39 -13.42
N GLY B 72 11.41 -2.39 -13.42
N GLY B 72 11.57 -2.15 -13.52
N GLY B 72 11.57 -2.15 -13.52
CA GLY B 72 10.51 -2.58 -14.57
CA GLY B 72 10.51 -2.58 -14.57
CA GLY B 72 10.57 -2.48 -14.54
CA GLY B 72 10.57 -2.48 -14.54
C GLY B 72 9.35 -1.51 -14.59
C GLY B 72 9.35 -1.51 -14.59
C GLY B 72 9.28 -1.62 -14.37
C GLY B 72 9.28 -1.62 -14.37
N PRO B 73 8.24 -1.95 -15.31
N PRO B 73 8.24 -1.95 -15.31
N PRO B 73 8.27 -1.97 -15.24
N PRO B 73 8.27 -1.97 -15.24
CA PRO B 73 6.90 -1.32 -15.21
CA PRO B 73 6.90 -1.32 -15.21
CA PRO B 73 6.92 -1.35 -15.18
CA PRO B 73 6.93 -1.35 -15.18
C PRO B 73 5.95 -1.96 -14.19
C PRO B 73 5.95 -1.96 -14.19
C PRO B 73 6.03 -1.93 -14.06
C PRO B 73 6.03 -1.93 -14.06
N TRP B 74 5.02 -1.16 -13.63
N TRP B 74 5.02 -1.16 -13.63
N TRP B 74 5.01 -1.16 -13.62
N TRP B 74 5.01 -1.16 -13.62
CA TRP B 74 3.95 -1.60 -12.70
CA TRP B 74 3.95 -1.60 -12.70
CA TRP B 74 3.94 -1.60 -12.68
CA TRP B 74 3.94 -1.60 -12.68
C TRP B 74 3.34 -2.92 -13.21
C TRP B 74 3.34 -2.92 -13.21
C TRP B 74 3.34 -2.92 -13.21
C TRP B 74 3.34 -2.92 -13.21
N LYS B 75 3.30 -3.96 -12.37
CA LYS B 75 2.89 -5.34 -12.76
C LYS B 75 1.50 -5.70 -12.20
N LEU B 76 1.04 -5.01 -11.16
CA LEU B 76 -0.09 -5.47 -10.29
C LEU B 76 -1.41 -4.91 -10.83
N ASP B 77 -2.29 -5.76 -11.36
CA ASP B 77 -3.42 -5.27 -12.16
C ASP B 77 -4.74 -5.75 -11.57
N ALA B 78 -4.75 -6.50 -10.46
CA ALA B 78 -6.01 -6.94 -9.83
C ALA B 78 -6.72 -5.70 -9.27
N ALA B 79 -8.06 -5.78 -9.23
CA ALA B 79 -8.99 -4.77 -8.67
C ALA B 79 -9.94 -5.37 -7.62
N TRP B 80 -10.21 -4.64 -6.53
CA TRP B 80 -11.38 -4.85 -5.63
C TRP B 80 -12.62 -5.05 -6.51
N ASP B 81 -13.45 -6.05 -6.18
CA ASP B 81 -14.63 -6.40 -7.02
C ASP B 81 -15.76 -5.47 -6.62
N GLY B 82 -15.59 -4.74 -5.51
CA GLY B 82 -16.53 -3.74 -4.94
C GLY B 82 -17.51 -4.39 -3.96
N LEU B 83 -17.41 -5.71 -3.74
CA LEU B 83 -18.41 -6.49 -2.96
C LEU B 83 -17.79 -7.17 -1.73
N SER B 84 -16.77 -8.01 -1.96
N SER B 84 -16.77 -8.01 -1.96
N SER B 84 -16.77 -8.00 -1.98
N SER B 84 -16.77 -8.00 -1.98
CA SER B 84 -16.19 -8.94 -0.97
CA SER B 84 -16.19 -8.94 -0.97
CA SER B 84 -16.17 -8.93 -0.98
CA SER B 84 -16.17 -8.93 -0.98
C SER B 84 -15.25 -8.22 0.01
C SER B 84 -15.25 -8.22 0.01
C SER B 84 -15.23 -8.20 -0.02
C SER B 84 -15.23 -8.20 -0.02
N GLU B 85 -15.01 -8.83 1.17
N GLU B 85 -15.01 -8.83 1.17
N GLU B 85 -14.99 -8.81 1.14
N GLU B 85 -14.99 -8.81 1.14
CA GLU B 85 -13.96 -8.42 2.15
CA GLU B 85 -13.96 -8.42 2.15
CA GLU B 85 -13.95 -8.38 2.12
CA GLU B 85 -13.95 -8.38 2.12
C GLU B 85 -12.58 -8.63 1.51
C GLU B 85 -12.58 -8.63 1.51
C GLU B 85 -12.58 -8.66 1.51
C GLU B 85 -12.58 -8.66 1.51
N VAL B 86 -11.57 -7.98 2.08
N VAL B 86 -11.57 -7.98 2.08
N VAL B 86 -11.55 -8.04 2.10
N VAL B 86 -11.55 -8.04 2.10
CA VAL B 86 -10.14 -8.03 1.62
CA VAL B 86 -10.14 -8.03 1.62
CA VAL B 86 -10.15 -8.09 1.63
CA VAL B 86 -10.15 -8.09 1.63
C VAL B 86 -9.24 -8.15 2.86
C VAL B 86 -9.24 -8.15 2.86
C VAL B 86 -9.24 -8.17 2.85
C VAL B 86 -9.24 -8.17 2.85
N GLN B 87 -7.95 -8.43 2.63
CA GLN B 87 -6.94 -8.48 3.71
C GLN B 87 -5.86 -7.43 3.44
N LEU B 88 -5.75 -6.45 4.34
CA LEU B 88 -4.49 -5.70 4.54
C LEU B 88 -3.43 -6.67 5.07
N LEU B 89 -2.39 -6.92 4.30
CA LEU B 89 -1.23 -7.62 4.85
C LEU B 89 -0.34 -6.54 5.47
N ALA B 90 -0.66 -6.13 6.71
CA ALA B 90 0.01 -5.01 7.40
C ALA B 90 1.41 -5.44 7.82
N VAL B 91 2.46 -4.60 7.59
CA VAL B 91 3.88 -4.86 8.01
C VAL B 91 4.35 -3.65 8.83
N PRO B 92 3.95 -3.54 10.11
CA PRO B 92 4.25 -2.38 10.94
C PRO B 92 5.71 -2.32 11.39
N PRO B 93 6.20 -1.11 11.74
CA PRO B 93 7.61 -0.94 12.07
C PRO B 93 7.97 -1.82 13.28
N GLY B 94 8.93 -2.71 13.08
CA GLY B 94 9.49 -3.55 14.15
C GLY B 94 8.51 -4.60 14.64
N GLU B 95 7.40 -4.84 13.95
CA GLU B 95 6.44 -5.93 14.33
C GLU B 95 6.29 -6.81 13.10
N ARG B 96 5.74 -8.00 13.28
CA ARG B 96 5.65 -9.09 12.28
C ARG B 96 4.46 -8.90 11.34
N ALA B 97 4.66 -9.27 10.06
N ALA B 97 4.66 -9.27 10.06
N ALA B 97 4.66 -9.30 10.07
N ALA B 97 4.66 -9.30 10.07
CA ALA B 97 3.62 -9.36 9.00
CA ALA B 97 3.62 -9.36 9.00
CA ALA B 97 3.61 -9.37 9.02
CA ALA B 97 3.61 -9.37 9.02
C ALA B 97 2.36 -10.02 9.57
C ALA B 97 2.36 -10.02 9.57
C ALA B 97 2.36 -10.03 9.60
C ALA B 97 2.36 -10.03 9.60
N LYS B 98 1.24 -9.29 9.62
CA LYS B 98 -0.05 -9.79 10.15
C LYS B 98 -1.17 -9.42 9.16
N ASN B 99 -1.93 -10.42 8.68
CA ASN B 99 -3.09 -10.20 7.76
C ASN B 99 -4.29 -9.73 8.56
N ILE B 100 -4.90 -8.61 8.18
CA ILE B 100 -6.15 -8.13 8.81
C ILE B 100 -7.25 -8.12 7.78
N GLN B 101 -8.37 -8.74 8.06
CA GLN B 101 -9.47 -8.86 7.09
C GLN B 101 -10.47 -7.76 7.41
N THR B 102 -11.06 -7.14 6.36
CA THR B 102 -11.99 -6.00 6.51
C THR B 102 -12.85 -5.90 5.26
N LEU B 103 -14.01 -5.23 5.38
CA LEU B 103 -14.78 -4.80 4.21
C LEU B 103 -14.41 -3.34 3.91
N PRO B 104 -13.86 -3.07 2.70
CA PRO B 104 -13.66 -1.70 2.29
C PRO B 104 -14.98 -0.91 2.37
N GLY B 105 -14.79 0.41 2.70
CA GLY B 105 -15.73 1.49 2.37
C GLY B 105 -15.30 2.19 1.08
N ILE B 106 -15.75 3.42 0.87
CA ILE B 106 -15.63 4.09 -0.46
C ILE B 106 -15.14 5.52 -0.33
N PHE B 107 -14.13 5.86 -1.12
N PHE B 107 -14.13 5.86 -1.12
N PHE B 107 -14.12 5.86 -1.12
N PHE B 107 -14.12 5.86 -1.12
CA PHE B 107 -13.75 7.26 -1.46
CA PHE B 107 -13.75 7.26 -1.46
CA PHE B 107 -13.70 7.24 -1.44
CA PHE B 107 -13.70 7.24 -1.44
C PHE B 107 -14.61 7.69 -2.65
C PHE B 107 -14.61 7.69 -2.65
C PHE B 107 -14.48 7.69 -2.68
C PHE B 107 -14.48 7.69 -2.68
N LYS B 108 -15.49 8.68 -2.44
N LYS B 108 -15.49 8.68 -2.44
N LYS B 108 -15.49 8.53 -2.48
N LYS B 108 -15.49 8.53 -2.48
CA LYS B 108 -16.29 9.35 -3.49
CA LYS B 108 -16.29 9.35 -3.49
CA LYS B 108 -16.27 9.20 -3.54
CA LYS B 108 -16.27 9.20 -3.54
C LYS B 108 -15.51 10.59 -3.95
C LYS B 108 -15.51 10.59 -3.95
C LYS B 108 -15.49 10.46 -3.97
C LYS B 108 -15.49 10.46 -3.97
N THR B 109 -15.03 10.59 -5.20
N THR B 109 -15.03 10.59 -5.20
N THR B 109 -15.11 10.54 -5.25
N THR B 109 -15.11 10.54 -5.25
CA THR B 109 -14.28 11.71 -5.83
CA THR B 109 -14.28 11.71 -5.83
CA THR B 109 -14.34 11.68 -5.83
CA THR B 109 -14.34 11.68 -5.83
C THR B 109 -14.97 12.10 -7.14
C THR B 109 -14.97 12.10 -7.14
C THR B 109 -15.00 12.10 -7.16
C THR B 109 -15.00 12.10 -7.16
N LYS B 110 -14.71 13.33 -7.61
CA LYS B 110 -15.26 13.86 -8.89
C LYS B 110 -14.84 12.93 -10.05
N ASP B 111 -13.68 12.27 -9.97
CA ASP B 111 -13.16 11.38 -11.04
C ASP B 111 -13.66 9.95 -10.90
N GLY B 112 -14.44 9.65 -9.85
CA GLY B 112 -15.00 8.31 -9.61
C GLY B 112 -14.77 7.78 -8.21
N ASP B 113 -15.16 6.52 -7.98
CA ASP B 113 -15.19 5.90 -6.63
C ASP B 113 -14.06 4.83 -6.48
N ILE B 114 -13.35 5.00 -5.31
CA ILE B 114 -12.20 4.12 -4.93
C ILE B 114 -12.56 3.32 -3.66
N GLY B 115 -12.09 2.09 -3.58
CA GLY B 115 -12.10 1.35 -2.29
C GLY B 115 -11.27 2.12 -1.27
N ALA B 116 -11.64 2.01 0.01
CA ALA B 116 -10.91 2.61 1.14
C ALA B 116 -10.92 1.58 2.29
N VAL B 117 -9.81 1.47 3.04
N VAL B 117 -9.83 1.52 3.07
N VAL B 117 -9.81 1.47 3.04
N VAL B 117 -9.83 1.52 3.07
CA VAL B 117 -9.69 0.55 4.22
CA VAL B 117 -9.63 0.58 4.21
CA VAL B 117 -9.69 0.55 4.22
CA VAL B 117 -9.63 0.58 4.21
C VAL B 117 -9.51 1.39 5.49
C VAL B 117 -9.49 1.39 5.51
C VAL B 117 -9.51 1.39 5.49
C VAL B 117 -9.49 1.39 5.51
N ALA B 118 -10.40 1.20 6.47
CA ALA B 118 -10.39 1.96 7.75
C ALA B 118 -9.62 1.16 8.79
N LEU B 119 -8.29 1.15 8.68
CA LEU B 119 -7.37 0.53 9.66
C LEU B 119 -6.29 1.52 10.04
N ASP B 120 -6.02 1.60 11.33
CA ASP B 120 -5.08 2.58 11.93
C ASP B 120 -3.73 1.89 12.13
N TYR B 121 -2.67 2.38 11.50
CA TYR B 121 -1.27 1.93 11.73
C TYR B 121 -0.33 3.14 11.61
N PRO B 122 0.96 3.00 11.99
CA PRO B 122 1.89 4.12 11.90
C PRO B 122 2.18 4.36 10.40
N ALA B 123 2.67 5.54 10.07
CA ALA B 123 2.99 5.95 8.67
C ALA B 123 3.95 4.95 7.99
N GLY B 124 4.88 4.38 8.77
N GLY B 124 4.88 4.38 8.77
N GLY B 124 4.89 4.37 8.77
N GLY B 124 4.89 4.37 8.77
CA GLY B 124 5.92 3.42 8.32
CA GLY B 124 5.92 3.42 8.32
CA GLY B 124 5.93 3.42 8.29
CA GLY B 124 5.93 3.42 8.29
C GLY B 124 5.33 2.07 7.79
C GLY B 124 5.33 2.07 7.79
C GLY B 124 5.34 2.07 7.78
C GLY B 124 5.34 2.07 7.78
N THR B 125 3.94 2.02 7.86
CA THR B 125 3.20 0.87 7.25
C THR B 125 2.74 1.20 5.83
N SER B 126 2.95 2.44 5.36
CA SER B 126 2.62 2.86 3.97
C SER B 126 3.22 1.71 3.09
N GLY B 127 2.42 1.27 2.10
CA GLY B 127 2.87 0.38 0.99
C GLY B 127 2.56 -1.06 1.23
N SER B 128 2.07 -1.36 2.46
CA SER B 128 1.52 -2.67 2.78
C SER B 128 0.53 -2.94 1.62
N PRO B 129 0.58 -4.15 1.03
CA PRO B 129 -0.42 -4.62 0.06
C PRO B 129 -1.79 -5.05 0.57
N ILE B 130 -2.81 -4.88 -0.28
CA ILE B 130 -4.21 -5.27 -0.01
C ILE B 130 -4.50 -6.42 -0.97
N LEU B 131 -5.10 -7.51 -0.47
CA LEU B 131 -5.24 -8.83 -1.17
C LEU B 131 -6.70 -9.24 -1.34
N ASP B 132 -7.00 -9.89 -2.46
CA ASP B 132 -8.30 -10.51 -2.73
C ASP B 132 -8.27 -11.98 -2.21
N LYS B 133 -9.38 -12.67 -2.40
CA LYS B 133 -9.57 -14.02 -1.81
C LYS B 133 -8.63 -14.99 -2.54
N CYS B 134 -8.10 -14.58 -3.71
CA CYS B 134 -7.15 -15.42 -4.49
C CYS B 134 -5.70 -15.04 -4.15
N GLY B 135 -5.47 -14.26 -3.09
CA GLY B 135 -4.13 -13.68 -2.77
C GLY B 135 -3.54 -12.74 -3.84
N ARG B 136 -4.34 -12.16 -4.74
CA ARG B 136 -3.84 -11.15 -5.74
C ARG B 136 -3.77 -9.75 -5.09
N VAL B 137 -2.74 -8.94 -5.46
CA VAL B 137 -2.60 -7.57 -4.87
C VAL B 137 -3.50 -6.62 -5.64
N ILE B 138 -4.51 -6.08 -4.97
CA ILE B 138 -5.55 -5.19 -5.57
C ILE B 138 -5.22 -3.71 -5.26
N GLY B 139 -4.18 -3.45 -4.45
CA GLY B 139 -3.71 -2.06 -4.24
C GLY B 139 -2.84 -1.96 -3.02
N LEU B 140 -2.35 -0.76 -2.71
N LEU B 140 -2.35 -0.76 -2.71
N LEU B 140 -2.38 -0.76 -2.70
N LEU B 140 -2.38 -0.76 -2.70
CA LEU B 140 -1.47 -0.49 -1.55
CA LEU B 140 -1.47 -0.49 -1.55
CA LEU B 140 -1.46 -0.48 -1.56
CA LEU B 140 -1.46 -0.48 -1.56
C LEU B 140 -2.12 0.52 -0.60
C LEU B 140 -2.12 0.51 -0.60
C LEU B 140 -2.07 0.56 -0.62
C LEU B 140 -2.07 0.56 -0.62
N TYR B 141 -1.78 0.34 0.69
N TYR B 141 -1.78 0.34 0.70
N TYR B 141 -1.84 0.33 0.68
N TYR B 141 -1.84 0.33 0.68
CA TYR B 141 -2.32 1.08 1.85
CA TYR B 141 -2.33 1.07 1.86
CA TYR B 141 -2.34 1.14 1.82
CA TYR B 141 -2.34 1.14 1.82
C TYR B 141 -1.33 2.22 2.18
C TYR B 141 -1.33 2.22 2.18
C TYR B 141 -1.27 2.21 2.13
C TYR B 141 -1.27 2.21 2.13
N GLY B 142 -1.90 3.35 2.67
N GLY B 142 -1.90 3.34 2.67
N GLY B 142 -1.74 3.38 2.61
N GLY B 142 -1.74 3.38 2.61
CA GLY B 142 -1.10 4.40 3.34
CA GLY B 142 -1.10 4.39 3.34
CA GLY B 142 -0.82 4.41 3.17
CA GLY B 142 -0.82 4.41 3.17
C GLY B 142 -1.13 5.72 2.61
C GLY B 142 -1.13 5.72 2.61
C GLY B 142 -1.09 5.80 2.61
C GLY B 142 -1.09 5.80 2.61
N ASN B 143 -2.11 5.89 1.69
N ASN B 143 -2.11 5.89 1.69
N ASN B 143 -2.02 5.89 1.63
N ASN B 143 -2.02 5.89 1.63
CA ASN B 143 -2.45 7.24 1.14
CA ASN B 143 -2.45 7.24 1.14
CA ASN B 143 -2.51 7.22 1.16
CA ASN B 143 -2.51 7.22 1.16
C ASN B 143 -3.95 7.50 1.16
C ASN B 143 -3.95 7.50 1.16
C ASN B 143 -4.01 7.34 1.29
C ASN B 143 -4.01 7.34 1.29
N GLY B 144 -4.35 8.40 2.17
N GLY B 144 -4.35 8.39 2.18
N GLY B 144 -4.44 8.36 2.11
N GLY B 144 -4.44 8.36 2.11
CA GLY B 144 -5.77 8.71 2.36
CA GLY B 144 -5.77 8.71 2.36
CA GLY B 144 -5.86 8.59 2.42
CA GLY B 144 -5.86 8.58 2.43
C GLY B 144 -5.94 9.88 3.32
C GLY B 144 -5.95 9.88 3.31
C GLY B 144 -6.02 9.76 3.36
C GLY B 144 -6.02 9.76 3.36
N VAL B 145 -6.88 9.74 4.26
N VAL B 145 -6.88 9.74 4.26
N VAL B 145 -7.02 9.71 4.23
N VAL B 145 -7.02 9.71 4.23
CA VAL B 145 -7.50 10.90 4.97
CA VAL B 145 -7.50 10.90 4.97
CA VAL B 145 -7.53 10.89 4.98
CA VAL B 145 -7.53 10.89 4.98
C VAL B 145 -7.64 10.57 6.47
C VAL B 145 -7.64 10.57 6.47
C VAL B 145 -7.60 10.56 6.48
C VAL B 145 -7.60 10.56 6.48
N VAL B 146 -7.64 11.62 7.30
CA VAL B 146 -7.72 11.56 8.77
C VAL B 146 -9.13 12.03 9.14
N ILE B 147 -9.95 11.15 9.71
CA ILE B 147 -11.43 11.35 9.82
C ILE B 147 -11.72 12.06 11.16
N LYS B 148 -12.99 12.36 11.42
N LYS B 148 -12.99 12.36 11.42
N LYS B 148 -13.00 12.34 11.42
N LYS B 148 -13.00 12.34 11.42
CA LYS B 148 -13.48 13.08 12.64
CA LYS B 148 -13.48 13.08 12.64
CA LYS B 148 -13.50 13.06 12.63
CA LYS B 148 -13.50 13.06 12.63
C LYS B 148 -12.76 12.53 13.88
C LYS B 148 -12.76 12.53 13.88
C LYS B 148 -12.78 12.53 13.87
C LYS B 148 -12.78 12.53 13.87
N ASN B 149 -12.74 11.20 14.04
CA ASN B 149 -12.14 10.51 15.21
C ASN B 149 -10.70 10.98 15.47
N GLY B 150 -9.88 11.02 14.41
CA GLY B 150 -8.40 11.09 14.47
C GLY B 150 -7.74 9.87 13.84
N SER B 151 -8.53 8.83 13.55
N SER B 151 -8.53 8.84 13.56
N SER B 151 -8.53 8.83 13.55
N SER B 151 -8.53 8.84 13.56
CA SER B 151 -8.12 7.58 12.86
CA SER B 151 -8.12 7.58 12.86
CA SER B 151 -8.12 7.58 12.86
CA SER B 151 -8.12 7.58 12.86
C SER B 151 -7.87 7.87 11.37
C SER B 151 -7.87 7.87 11.37
C SER B 151 -7.87 7.87 11.37
C SER B 151 -7.87 7.87 11.37
N TYR B 152 -7.10 7.02 10.70
CA TYR B 152 -6.78 7.14 9.25
C TYR B 152 -7.70 6.20 8.45
N VAL B 153 -8.24 6.70 7.34
CA VAL B 153 -8.83 5.86 6.25
C VAL B 153 -7.94 6.00 5.02
N SER B 154 -7.44 4.87 4.47
CA SER B 154 -6.58 4.75 3.27
C SER B 154 -7.37 4.41 1.97
N ALA B 155 -7.03 5.07 0.83
CA ALA B 155 -7.38 4.58 -0.53
C ALA B 155 -6.67 3.20 -0.74
N ILE B 156 -7.50 2.30 -1.45
CA ILE B 156 -6.91 1.10 -2.13
C ILE B 156 -6.30 1.68 -3.43
N THR B 157 -5.03 2.04 -3.37
CA THR B 157 -4.27 2.67 -4.48
C THR B 157 -3.60 1.62 -5.37
N GLN B 158 -4.26 1.38 -6.57
CA GLN B 158 -3.71 0.45 -7.60
C GLN B 158 -3.15 1.23 -8.83
N GLY B 159 -2.07 0.73 -9.44
CA GLY B 159 -1.48 1.28 -10.70
C GLY B 159 -2.15 0.66 -11.91
N LYS B 160 -1.74 1.09 -13.11
CA LYS B 160 -2.23 0.56 -14.42
C LYS B 160 -1.10 -0.30 -15.01
N ARG B 161 -1.40 -1.56 -15.40
CA ARG B 161 -0.43 -2.48 -16.07
C ARG B 161 -0.52 -2.29 -17.59
N GLU B 162 0.61 -2.29 -18.30
CA GLU B 162 0.70 -2.07 -19.76
C GLU B 162 0.79 -3.41 -20.50
S SO4 C . -22.54 4.53 -5.34
S SO4 C . -22.54 4.53 -5.34
O1 SO4 C . -23.46 3.68 -6.04
O1 SO4 C . -23.46 3.68 -6.04
O2 SO4 C . -22.55 4.19 -3.94
O2 SO4 C . -22.55 4.19 -3.94
O3 SO4 C . -21.21 4.34 -5.87
O3 SO4 C . -21.21 4.34 -5.87
O4 SO4 C . -22.93 5.90 -5.52
O4 SO4 C . -22.93 5.90 -5.52
S DMS D . -0.44 6.39 8.01
S DMS D . -0.44 6.39 8.01
O DMS D . -1.62 7.07 8.59
O DMS D . -1.62 7.07 8.59
C1 DMS D . 0.05 7.35 6.59
C1 DMS D . 0.05 7.35 6.59
C2 DMS D . -1.05 4.97 7.13
C2 DMS D . -1.05 4.97 7.13
S DMS E . 15.57 11.83 -5.40
O DMS E . 14.68 11.03 -6.32
C1 DMS E . 16.75 10.70 -4.72
C2 DMS E . 14.66 12.17 -3.91
S DMS F . -0.72 10.91 5.13
S DMS F . -0.72 10.91 5.13
O DMS F . -1.94 11.58 4.58
O DMS F . -1.94 11.58 4.58
C1 DMS F . 0.20 10.31 3.74
C1 DMS F . 0.20 10.31 3.74
C2 DMS F . 0.39 12.23 5.58
C2 DMS F . 0.39 12.23 5.58
N1 A1BXE G . 0.84 9.03 4.54
N1 A1BXE G . 0.84 9.03 4.54
C4 A1BXE G . -0.45 5.86 7.18
C4 A1BXE G . -0.45 5.86 7.18
C5 A1BXE G . 0.03 6.81 6.31
C5 A1BXE G . 0.03 6.82 6.31
C6 A1BXE G . 0.11 8.15 6.70
C6 A1BXE G . 0.11 8.15 6.71
C7 A1BXE G . -0.31 8.49 7.99
C7 A1BXE G . -0.31 8.49 7.99
C8 A1BXE G . 0.63 9.27 5.86
C8 A1BXE G . 0.63 9.27 5.86
C10 A1BXE G . 0.65 10.43 2.55
C10 A1BXE G . 0.65 10.43 2.55
C13 A1BXE G . 3.23 11.37 2.93
C13 A1BXE G . 3.23 11.37 2.93
C15 A1BXE G . 3.56 9.97 4.99
C15 A1BXE G . 3.56 9.97 4.99
C1 A1BXE G . -1.25 7.94 10.26
C1 A1BXE G . -1.25 7.94 10.26
C2 A1BXE G . -0.80 7.53 8.88
C2 A1BXE G . -0.80 7.53 8.88
C3 A1BXE G . -0.87 6.22 8.46
C3 A1BXE G . -0.87 6.22 8.46
O1 A1BXE G . 0.86 10.37 6.37
O1 A1BXE G . 0.86 10.37 6.37
C9 A1BXE G . 1.41 9.98 3.62
C9 A1BXE G . 1.41 9.98 3.62
C11 A1BXE G . 1.18 11.35 1.66
C11 A1BXE G . 1.18 11.35 1.66
C12 A1BXE G . 2.48 11.82 1.86
C12 A1BXE G . 2.48 11.82 1.86
C14 A1BXE G . 2.72 10.44 3.84
C14 A1BXE G . 2.72 10.44 3.84
N2 A1BXE G . 0.45 11.80 0.59
N2 A1BXE G . 0.45 11.80 0.59
S SO4 H . 12.90 -5.44 11.41
S SO4 H . 12.90 -5.44 11.41
O1 SO4 H . 13.87 -4.90 10.48
O1 SO4 H . 13.87 -4.90 10.48
O2 SO4 H . 12.10 -4.37 11.94
O2 SO4 H . 12.10 -4.37 11.94
O3 SO4 H . 12.05 -6.37 10.72
O3 SO4 H . 12.05 -6.37 10.72
O4 SO4 H . 13.58 -6.11 12.49
O4 SO4 H . 13.58 -6.11 12.49
S SO4 I . 6.93 -14.27 9.38
S SO4 I . 6.93 -14.27 9.38
O1 SO4 I . 6.13 -13.08 9.19
O1 SO4 I . 6.13 -13.08 9.19
O2 SO4 I . 6.16 -15.23 10.11
O2 SO4 I . 6.16 -15.23 10.11
O3 SO4 I . 7.29 -14.81 8.10
O3 SO4 I . 7.29 -14.81 8.10
O4 SO4 I . 8.12 -13.93 10.11
O4 SO4 I . 8.12 -13.93 10.11
S DMS J . -12.38 -12.72 -5.03
S DMS J . -12.38 -12.71 -5.03
O DMS J . -12.34 -11.54 -4.09
O DMS J . -12.34 -11.54 -4.09
C1 DMS J . -11.58 -12.20 -6.54
C1 DMS J . -11.58 -12.20 -6.54
C2 DMS J . -14.03 -12.79 -5.67
C2 DMS J . -14.03 -12.79 -5.67
S SO4 K . 7.68 -11.92 17.04
S SO4 K . 7.68 -11.92 17.04
O1 SO4 K . 7.53 -12.37 18.40
O1 SO4 K . 7.53 -12.37 18.40
O2 SO4 K . 7.52 -13.03 16.14
O2 SO4 K . 7.52 -13.03 16.14
O3 SO4 K . 6.69 -10.91 16.76
O3 SO4 K . 6.69 -10.91 16.76
O4 SO4 K . 8.99 -11.34 16.87
O4 SO4 K . 8.99 -11.34 16.87
S SO4 L . -8.92 0.54 13.52
S SO4 L . -8.92 0.54 13.52
O1 SO4 L . -8.57 -0.71 12.92
O1 SO4 L . -8.57 -0.71 12.92
O2 SO4 L . -7.91 0.93 14.45
O2 SO4 L . -7.91 0.93 14.45
O3 SO4 L . -9.06 1.55 12.51
O3 SO4 L . -9.06 1.55 12.51
O4 SO4 L . -10.18 0.39 14.21
O4 SO4 L . -10.18 0.39 14.21
#